data_4OYI
#
_entry.id   4OYI
#
_cell.length_a   98.995
_cell.length_b   98.995
_cell.length_c   97.744
_cell.angle_alpha   90.00
_cell.angle_beta   90.00
_cell.angle_gamma   120.00
#
_symmetry.space_group_name_H-M   'P 63'
#
loop_
_entity.id
_entity.type
_entity.pdbx_description
1 polymer 'Adenylate cyclase type 10'
2 non-polymer (4-azanyl-1,2,5-oxadiazol-3-yl)-phenyl-methanone
3 non-polymer GLYCEROL
4 water water
#
_entity_poly.entity_id   1
_entity_poly.type   'polypeptide(L)'
_entity_poly.pdbx_seq_one_letter_code
;(ACE)MNTPKEEFQDWPIVRIAAHLPDLIVYGHFSPERPFMDYFDGVLMFVDISGFTAMTEKFSSAMYMDRGAEQLVEIL
NYHISAIVEKVLIFGGDILKFAGDALLALWRVERKQLKNIITVVIKCSLEIHGLFETQEWEEGLDIRVKIGLAAGHISML
VFGDETHSHFLVIGQAVDDVRLAQNMAQMNDVILSPNCWQLCDRSMIEIESVPDQRAVKVNFLKPPPNFNFDEFFTKCTT
FMHYYPSGEHKNLLRLA(CME)TLKPDPELEMSLQKYVMESILKQIDNKQLQGYLSELRPVTIVFVNLMFEDQDKAEEIG
PAIQDAYMHITSVLKIFQGQINKVFMFDKGCSFLCVFGFPGEKVPDELTHALECAMDIFDFCSQVHKIQTVSIGVASGIV
FCGIVGHTVRHEYTVIGQKVNLAARMMMYYPGIVTCDSVTYNGSNLPAYFFKELPKKVMKGVADSGPLYQYWGRTEKV
;
_entity_poly.pdbx_strand_id   A
#
loop_
_chem_comp.id
_chem_comp.type
_chem_comp.name
_chem_comp.formula
1VK non-polymer (4-azanyl-1,2,5-oxadiazol-3-yl)-phenyl-methanone 'C9 H7 N3 O2'
ACE non-polymer 'ACETYL GROUP' 'C2 H4 O'
GOL non-polymer GLYCEROL 'C3 H8 O3'
#
# COMPACT_ATOMS: atom_id res chain seq x y z
C ACE A 1 23.28 -12.23 -44.01
O ACE A 1 22.66 -11.37 -44.61
CH3 ACE A 1 24.56 -12.93 -44.48
N MET A 2 22.44 -13.20 -43.15
CA MET A 2 21.10 -12.80 -42.69
C MET A 2 21.08 -11.55 -41.85
N ASN A 3 19.96 -10.86 -41.97
CA ASN A 3 19.72 -9.69 -41.12
C ASN A 3 19.53 -10.14 -39.71
N THR A 4 19.80 -9.23 -38.78
CA THR A 4 19.56 -9.46 -37.37
C THR A 4 18.71 -8.33 -36.80
N PRO A 5 17.41 -8.28 -37.15
CA PRO A 5 16.52 -7.30 -36.53
C PRO A 5 16.58 -7.44 -35.01
N LYS A 6 16.65 -6.30 -34.32
CA LYS A 6 16.84 -6.29 -32.86
C LYS A 6 15.52 -5.99 -32.16
N GLU A 7 15.60 -5.55 -30.91
CA GLU A 7 14.46 -5.29 -30.01
C GLU A 7 13.61 -6.55 -29.79
N GLU A 8 13.89 -7.25 -28.69
CA GLU A 8 12.95 -8.26 -28.19
C GLU A 8 11.64 -7.51 -27.91
N PHE A 9 10.52 -8.09 -28.31
CA PHE A 9 9.20 -7.53 -27.99
C PHE A 9 8.98 -7.76 -26.50
N GLN A 10 8.60 -6.70 -25.79
CA GLN A 10 8.37 -6.85 -24.35
C GLN A 10 7.02 -6.32 -23.87
N ASP A 11 5.97 -6.31 -24.70
CA ASP A 11 4.69 -5.69 -24.23
C ASP A 11 3.52 -6.63 -24.09
N TRP A 12 3.84 -7.85 -23.74
CA TRP A 12 2.85 -8.90 -23.58
C TRP A 12 1.94 -8.62 -22.37
N PRO A 13 0.70 -9.11 -22.39
CA PRO A 13 -0.13 -9.06 -21.20
C PRO A 13 0.56 -9.48 -19.90
N ILE A 14 1.37 -10.52 -19.93
CA ILE A 14 1.98 -10.99 -18.70
C ILE A 14 2.90 -9.92 -18.10
N VAL A 15 3.59 -9.20 -18.96
CA VAL A 15 4.47 -8.14 -18.51
C VAL A 15 3.68 -6.99 -17.95
N ARG A 16 2.60 -6.65 -18.63
CA ARG A 16 1.71 -5.60 -18.10
C ARG A 16 1.13 -5.93 -16.73
N ILE A 17 0.73 -7.18 -16.54
CA ILE A 17 0.26 -7.64 -15.26
C ILE A 17 1.36 -7.51 -14.22
N ALA A 18 2.56 -7.94 -14.58
CA ALA A 18 3.66 -7.89 -13.63
C ALA A 18 4.01 -6.51 -13.15
N ALA A 19 3.72 -5.47 -13.91
CA ALA A 19 3.89 -4.08 -13.42
C ALA A 19 3.14 -3.80 -12.15
N HIS A 20 2.05 -4.51 -11.96
CA HIS A 20 1.19 -4.31 -10.78
C HIS A 20 1.61 -5.06 -9.51
N LEU A 21 2.71 -5.81 -9.61
CA LEU A 21 3.17 -6.72 -8.58
C LEU A 21 4.66 -6.63 -8.29
N PRO A 22 5.02 -6.92 -7.03
CA PRO A 22 6.41 -6.95 -6.69
C PRO A 22 7.03 -8.25 -7.17
N ASP A 23 8.35 -8.24 -7.29
CA ASP A 23 9.17 -9.44 -7.54
C ASP A 23 8.91 -10.56 -6.54
N LEU A 24 8.62 -10.16 -5.31
CA LEU A 24 8.21 -11.08 -4.25
C LEU A 24 7.15 -12.03 -4.72
N ILE A 25 6.20 -11.51 -5.50
CA ILE A 25 5.13 -12.31 -6.08
C ILE A 25 5.48 -12.83 -7.48
N VAL A 26 5.96 -11.96 -8.37
CA VAL A 26 6.23 -12.32 -9.74
C VAL A 26 7.14 -13.57 -9.83
N TYR A 27 8.18 -13.58 -9.02
CA TYR A 27 9.16 -14.65 -9.04
C TYR A 27 9.04 -15.61 -7.85
N GLY A 28 7.90 -15.56 -7.18
CA GLY A 28 7.70 -16.32 -5.94
C GLY A 28 7.52 -17.82 -6.01
N HIS A 29 6.82 -18.30 -7.03
CA HIS A 29 6.49 -19.71 -7.15
CA HIS A 29 6.55 -19.75 -7.13
C HIS A 29 6.14 -20.44 -5.81
N PHE A 30 4.94 -20.14 -5.27
CA PHE A 30 4.45 -20.72 -4.01
C PHE A 30 3.42 -21.82 -4.20
N SER A 31 3.26 -22.59 -3.13
CA SER A 31 2.22 -23.60 -3.03
C SER A 31 0.85 -22.97 -3.25
N PRO A 32 -0.13 -23.80 -3.63
CA PRO A 32 -1.50 -23.33 -3.85
C PRO A 32 -2.31 -23.20 -2.55
N GLU A 33 -1.85 -23.80 -1.45
CA GLU A 33 -2.60 -23.74 -0.22
C GLU A 33 -2.84 -22.27 0.16
N ARG A 34 -4.03 -21.98 0.67
CA ARG A 34 -4.32 -20.69 1.22
C ARG A 34 -4.81 -20.93 2.63
N PRO A 35 -4.19 -20.31 3.63
CA PRO A 35 -3.09 -19.36 3.51
C PRO A 35 -1.77 -20.02 3.24
N PHE A 36 -0.88 -19.27 2.62
CA PHE A 36 0.50 -19.66 2.43
C PHE A 36 1.38 -18.69 3.17
N MET A 37 2.35 -19.23 3.91
CA MET A 37 3.24 -18.38 4.65
C MET A 37 4.69 -18.74 4.44
N ASP A 38 5.52 -17.72 4.36
CA ASP A 38 6.95 -17.97 4.25
C ASP A 38 7.65 -16.94 5.08
N TYR A 39 8.94 -17.15 5.26
CA TYR A 39 9.69 -16.36 6.21
C TYR A 39 11.07 -16.08 5.62
N PHE A 40 11.57 -14.87 5.84
CA PHE A 40 12.88 -14.46 5.34
C PHE A 40 13.36 -13.26 6.14
N ASP A 41 14.48 -12.68 5.73
CA ASP A 41 15.00 -11.48 6.32
C ASP A 41 15.13 -10.41 5.27
N GLY A 42 15.08 -9.16 5.70
CA GLY A 42 15.22 -8.06 4.77
C GLY A 42 15.30 -6.70 5.41
N VAL A 43 15.50 -5.72 4.54
CA VAL A 43 15.43 -4.33 4.90
C VAL A 43 14.19 -3.75 4.25
N LEU A 44 13.47 -2.96 5.02
CA LEU A 44 12.25 -2.31 4.56
C LEU A 44 12.40 -0.81 4.55
N MET A 45 11.76 -0.19 3.54
CA MET A 45 11.70 1.23 3.41
C MET A 45 10.25 1.64 3.28
N PHE A 46 9.80 2.52 4.17
CA PHE A 46 8.43 3.03 4.10
C PHE A 46 8.56 4.50 3.83
N VAL A 47 8.00 4.94 2.70
CA VAL A 47 8.15 6.32 2.25
C VAL A 47 6.77 6.93 2.34
N ASP A 48 6.68 7.93 3.21
CA ASP A 48 5.45 8.69 3.40
C ASP A 48 5.38 9.76 2.34
N ILE A 49 4.37 9.61 1.50
CA ILE A 49 4.18 10.54 0.39
C ILE A 49 2.93 11.39 0.58
N SER A 50 2.40 11.42 1.79
CA SER A 50 1.17 12.21 2.08
C SER A 50 1.36 13.71 1.80
N GLY A 51 2.61 14.17 1.86
CA GLY A 51 2.92 15.57 1.66
C GLY A 51 2.38 16.12 0.35
N PHE A 52 2.50 15.31 -0.70
CA PHE A 52 1.98 15.72 -2.00
C PHE A 52 0.68 15.00 -2.43
N THR A 53 0.30 13.90 -1.78
CA THR A 53 -0.99 13.28 -2.15
C THR A 53 -2.14 13.89 -1.36
N ALA A 54 -1.81 14.78 -0.44
CA ALA A 54 -2.78 15.69 0.17
C ALA A 54 -3.27 16.74 -0.82
N MET A 55 -2.63 16.78 -1.99
CA MET A 55 -3.04 17.62 -3.15
C MET A 55 -4.46 17.37 -3.63
N THR A 56 -4.98 16.18 -3.35
CA THR A 56 -6.20 15.65 -3.97
C THR A 56 -7.44 16.54 -3.83
N GLU A 57 -7.62 17.06 -2.63
CA GLU A 57 -8.80 17.90 -2.33
C GLU A 57 -9.05 19.08 -3.28
N LYS A 58 -7.96 19.76 -3.64
CA LYS A 58 -8.03 20.94 -4.48
C LYS A 58 -8.10 20.64 -5.95
N PHE A 59 -7.83 19.39 -6.35
CA PHE A 59 -7.97 18.99 -7.75
C PHE A 59 -9.46 18.78 -8.06
N SER A 60 -10.34 18.75 -7.04
CA SER A 60 -11.79 18.80 -7.33
C SER A 60 -12.33 20.20 -7.62
N SER A 61 -11.51 21.21 -7.37
CA SER A 61 -11.91 22.60 -7.60
C SER A 61 -12.16 22.91 -9.10
N ALA A 62 -13.07 23.85 -9.32
CA ALA A 62 -13.48 24.29 -10.65
C ALA A 62 -12.31 24.79 -11.47
N MET A 63 -11.25 25.22 -10.77
CA MET A 63 -10.00 25.66 -11.38
C MET A 63 -9.46 24.62 -12.38
N TYR A 64 -9.67 23.34 -12.09
CA TYR A 64 -9.12 22.27 -12.93
C TYR A 64 -10.05 21.87 -14.07
N MET A 65 -11.17 22.55 -14.19
CA MET A 65 -12.07 22.41 -15.31
C MET A 65 -12.42 20.97 -15.70
N ASP A 66 -12.90 20.19 -14.74
CA ASP A 66 -13.26 18.79 -15.01
C ASP A 66 -12.10 17.90 -15.44
N ARG A 67 -10.86 18.37 -15.31
CA ARG A 67 -9.70 17.51 -15.60
C ARG A 67 -8.88 17.32 -14.35
N GLY A 68 -9.47 17.54 -13.18
CA GLY A 68 -8.76 17.30 -11.94
C GLY A 68 -8.10 15.93 -11.81
N ALA A 69 -8.81 14.87 -12.17
CA ALA A 69 -8.26 13.54 -11.93
C ALA A 69 -7.08 13.32 -12.88
N GLU A 70 -7.23 13.77 -14.10
CA GLU A 70 -6.18 13.61 -15.10
C GLU A 70 -4.92 14.37 -14.71
N GLN A 71 -5.10 15.60 -14.24
CA GLN A 71 -4.00 16.38 -13.76
C GLN A 71 -3.38 15.82 -12.53
N LEU A 72 -4.22 15.31 -11.62
CA LEU A 72 -3.70 14.76 -10.38
CA LEU A 72 -3.71 14.76 -10.37
C LEU A 72 -2.82 13.54 -10.60
N VAL A 73 -3.29 12.60 -11.40
CA VAL A 73 -2.51 11.39 -11.66
C VAL A 73 -1.22 11.75 -12.37
N GLU A 74 -1.31 12.70 -13.28
CA GLU A 74 -0.10 13.11 -14.01
C GLU A 74 1.01 13.65 -13.07
N ILE A 75 0.65 14.57 -12.20
CA ILE A 75 1.64 15.20 -11.33
C ILE A 75 2.09 14.21 -10.24
N LEU A 76 1.17 13.40 -9.75
CA LEU A 76 1.52 12.43 -8.71
C LEU A 76 2.49 11.43 -9.30
N ASN A 77 2.14 10.90 -10.49
CA ASN A 77 3.03 9.94 -11.13
C ASN A 77 4.38 10.49 -11.52
N TYR A 78 4.44 11.77 -11.85
CA TYR A 78 5.71 12.39 -12.16
C TYR A 78 6.64 12.26 -10.94
N HIS A 79 6.14 12.63 -9.78
CA HIS A 79 6.94 12.55 -8.55
C HIS A 79 7.16 11.14 -8.09
N ILE A 80 6.11 10.34 -8.05
CA ILE A 80 6.22 8.99 -7.54
C ILE A 80 7.14 8.17 -8.44
N SER A 81 7.07 8.37 -9.76
CA SER A 81 7.95 7.67 -10.70
C SER A 81 9.42 7.81 -10.38
N ALA A 82 9.80 9.00 -9.94
CA ALA A 82 11.17 9.32 -9.62
C ALA A 82 11.59 8.55 -8.39
N ILE A 83 10.69 8.43 -7.42
CA ILE A 83 10.97 7.69 -6.23
C ILE A 83 11.13 6.20 -6.58
N VAL A 84 10.21 5.69 -7.37
CA VAL A 84 10.26 4.29 -7.77
C VAL A 84 11.55 3.96 -8.51
N GLU A 85 11.98 4.85 -9.40
CA GLU A 85 13.19 4.58 -10.16
C GLU A 85 14.37 4.47 -9.22
N LYS A 86 14.45 5.38 -8.25
CA LYS A 86 15.51 5.32 -7.25
C LYS A 86 15.50 3.99 -6.52
N VAL A 87 14.33 3.58 -6.02
CA VAL A 87 14.22 2.30 -5.34
C VAL A 87 14.71 1.17 -6.23
N LEU A 88 14.20 1.13 -7.46
CA LEU A 88 14.55 0.05 -8.37
C LEU A 88 16.05 0.00 -8.72
N ILE A 89 16.64 1.16 -8.99
CA ILE A 89 18.03 1.23 -9.37
C ILE A 89 18.93 0.80 -8.21
N PHE A 90 18.50 1.08 -6.99
CA PHE A 90 19.25 0.65 -5.79
C PHE A 90 18.93 -0.79 -5.38
N GLY A 91 18.16 -1.52 -6.18
CA GLY A 91 17.95 -2.94 -5.98
C GLY A 91 16.75 -3.38 -5.17
N GLY A 92 15.86 -2.45 -4.87
CA GLY A 92 14.71 -2.76 -4.01
C GLY A 92 13.49 -3.21 -4.81
N ASP A 93 12.51 -3.76 -4.11
CA ASP A 93 11.29 -4.32 -4.65
C ASP A 93 10.19 -3.50 -4.04
N ILE A 94 9.43 -2.80 -4.87
CA ILE A 94 8.31 -2.00 -4.35
C ILE A 94 7.19 -3.00 -4.08
N LEU A 95 6.81 -3.16 -2.83
CA LEU A 95 5.78 -4.16 -2.46
C LEU A 95 4.34 -3.71 -2.74
N LYS A 96 3.99 -2.50 -2.29
CA LYS A 96 2.66 -1.90 -2.50
C LYS A 96 2.72 -0.41 -2.44
N PHE A 97 1.74 0.20 -3.11
CA PHE A 97 1.45 1.60 -2.99
C PHE A 97 0.15 1.78 -2.21
N ALA A 98 0.12 2.85 -1.42
CA ALA A 98 -1.13 3.39 -0.86
C ALA A 98 -1.17 4.85 -1.23
N GLY A 99 -2.31 5.47 -1.00
CA GLY A 99 -2.44 6.88 -1.29
C GLY A 99 -1.46 7.77 -0.54
N ASP A 100 -1.02 7.35 0.65
CA ASP A 100 -0.11 8.16 1.46
C ASP A 100 1.29 7.55 1.66
N ALA A 101 1.56 6.38 1.08
CA ALA A 101 2.84 5.75 1.27
C ALA A 101 3.19 4.69 0.19
N LEU A 102 4.46 4.33 0.11
CA LEU A 102 4.83 3.09 -0.58
C LEU A 102 5.79 2.35 0.32
N LEU A 103 5.81 1.04 0.18
CA LEU A 103 6.66 0.18 0.96
C LEU A 103 7.57 -0.58 0.04
N ALA A 104 8.86 -0.54 0.32
CA ALA A 104 9.85 -1.30 -0.49
C ALA A 104 10.67 -2.26 0.37
N LEU A 105 11.12 -3.33 -0.26
CA LEU A 105 11.84 -4.41 0.41
C LEU A 105 13.11 -4.73 -0.32
N TRP A 106 14.19 -4.91 0.45
CA TRP A 106 15.39 -5.55 0.00
C TRP A 106 15.50 -6.86 0.76
N ARG A 107 15.15 -7.96 0.09
CA ARG A 107 15.23 -9.26 0.70
C ARG A 107 16.65 -9.79 0.56
N VAL A 108 17.24 -10.24 1.65
CA VAL A 108 18.60 -10.75 1.57
C VAL A 108 18.90 -11.72 2.70
N GLU A 109 19.91 -12.56 2.50
CA GLU A 109 20.36 -13.43 3.58
C GLU A 109 20.81 -12.62 4.80
N ARG A 110 20.58 -13.18 5.98
CA ARG A 110 20.90 -12.51 7.25
C ARG A 110 22.26 -11.85 7.29
N LYS A 111 23.28 -12.53 6.77
CA LYS A 111 24.65 -12.04 6.80
C LYS A 111 24.90 -10.77 6.02
N GLN A 112 24.04 -10.46 5.08
CA GLN A 112 24.23 -9.28 4.25
C GLN A 112 23.33 -8.13 4.68
N LEU A 113 22.53 -8.31 5.73
CA LEU A 113 21.67 -7.20 6.19
C LEU A 113 22.47 -5.93 6.45
N LYS A 114 23.63 -6.10 7.09
CA LYS A 114 24.43 -4.95 7.42
C LYS A 114 24.80 -4.11 6.19
N ASN A 115 25.35 -4.73 5.16
CA ASN A 115 25.70 -3.98 3.97
C ASN A 115 24.49 -3.47 3.19
N ILE A 116 23.43 -4.24 3.17
CA ILE A 116 22.22 -3.79 2.46
C ILE A 116 21.61 -2.57 3.13
N ILE A 117 21.65 -2.51 4.46
CA ILE A 117 21.16 -1.29 5.14
C ILE A 117 21.90 -0.07 4.62
N THR A 118 23.21 -0.17 4.43
CA THR A 118 23.98 0.94 3.89
C THR A 118 23.47 1.38 2.51
N VAL A 119 23.25 0.40 1.66
CA VAL A 119 22.63 0.65 0.35
C VAL A 119 21.30 1.39 0.47
N VAL A 120 20.46 0.87 1.37
CA VAL A 120 19.12 1.44 1.54
C VAL A 120 19.17 2.87 2.13
N ILE A 121 20.13 3.13 3.01
CA ILE A 121 20.27 4.50 3.53
C ILE A 121 20.66 5.43 2.39
N LYS A 122 21.62 5.03 1.57
CA LYS A 122 22.03 5.85 0.46
C LYS A 122 20.86 6.14 -0.48
N CYS A 123 20.09 5.09 -0.76
CA CYS A 123 18.93 5.25 -1.60
C CYS A 123 17.99 6.29 -0.99
N SER A 124 17.78 6.19 0.32
CA SER A 124 16.87 7.08 1.04
C SER A 124 17.30 8.51 0.94
N LEU A 125 18.59 8.72 1.13
CA LEU A 125 19.15 10.06 1.01
C LEU A 125 19.01 10.60 -0.40
N GLU A 126 19.19 9.73 -1.40
CA GLU A 126 19.02 10.19 -2.76
C GLU A 126 17.56 10.47 -3.07
N ILE A 127 16.64 9.73 -2.47
CA ILE A 127 15.22 10.06 -2.63
C ILE A 127 14.93 11.45 -2.11
N HIS A 128 15.38 11.73 -0.89
CA HIS A 128 15.20 13.08 -0.34
C HIS A 128 15.81 14.12 -1.30
N GLY A 129 16.96 13.79 -1.90
CA GLY A 129 17.65 14.69 -2.85
C GLY A 129 16.85 15.08 -4.07
N LEU A 130 15.89 14.24 -4.45
CA LEU A 130 14.99 14.53 -5.55
C LEU A 130 14.13 15.76 -5.31
N PHE A 131 13.84 16.02 -4.04
CA PHE A 131 12.84 17.02 -3.65
C PHE A 131 13.39 18.27 -2.94
N GLU A 132 14.70 18.39 -2.85
CA GLU A 132 15.33 19.42 -2.01
C GLU A 132 14.93 20.86 -2.38
N THR A 133 14.75 21.12 -3.67
CA THR A 133 14.27 22.43 -4.12
C THR A 133 13.15 22.28 -5.15
N GLN A 134 11.96 21.90 -4.68
CA GLN A 134 10.83 21.66 -5.57
C GLN A 134 9.50 21.91 -4.86
N GLU A 135 8.61 22.63 -5.55
CA GLU A 135 7.33 23.07 -4.99
C GLU A 135 6.27 23.23 -6.09
N TRP A 136 5.09 23.68 -5.69
CA TRP A 136 4.12 24.30 -6.60
C TRP A 136 3.62 25.62 -6.03
N GLU A 137 2.85 26.34 -6.85
CA GLU A 137 2.20 27.61 -6.45
C GLU A 137 3.04 28.42 -5.46
N GLU A 138 3.06 27.99 -4.20
CA GLU A 138 3.85 28.64 -3.14
C GLU A 138 4.24 27.65 -2.01
N GLY A 139 4.06 26.35 -2.25
CA GLY A 139 4.17 25.34 -1.18
C GLY A 139 5.08 24.18 -1.53
N LEU A 140 6.28 24.17 -0.93
CA LEU A 140 7.29 23.13 -1.16
C LEU A 140 7.09 21.87 -0.29
N ASP A 141 5.85 21.62 0.13
CA ASP A 141 5.54 20.44 0.94
C ASP A 141 5.53 19.17 0.09
N ILE A 142 5.98 19.31 -1.17
CA ILE A 142 6.42 18.19 -1.96
C ILE A 142 7.79 17.75 -1.39
N ARG A 143 7.71 17.03 -0.28
CA ARG A 143 8.84 16.34 0.33
C ARG A 143 8.33 15.03 0.93
N VAL A 144 9.26 14.15 1.33
CA VAL A 144 8.87 12.86 1.91
C VAL A 144 9.51 12.60 3.26
N LYS A 145 9.01 11.58 3.91
CA LYS A 145 9.52 11.09 5.18
C LYS A 145 9.77 9.59 5.02
N ILE A 146 10.90 9.13 5.52
CA ILE A 146 11.35 7.76 5.30
C ILE A 146 11.65 7.08 6.62
N GLY A 147 11.04 5.92 6.81
CA GLY A 147 11.41 5.01 7.87
C GLY A 147 12.05 3.77 7.28
N LEU A 148 13.11 3.30 7.93
CA LEU A 148 13.75 2.03 7.55
C LEU A 148 13.69 1.05 8.72
N ALA A 149 13.57 -0.22 8.38
CA ALA A 149 13.54 -1.28 9.36
C ALA A 149 14.29 -2.44 8.76
N ALA A 150 14.67 -3.39 9.60
CA ALA A 150 15.40 -4.56 9.15
C ALA A 150 15.19 -5.71 10.13
N GLY A 151 15.25 -6.93 9.61
CA GLY A 151 15.15 -8.13 10.43
C GLY A 151 14.24 -9.19 9.83
N HIS A 152 13.60 -9.96 10.71
CA HIS A 152 12.77 -11.06 10.29
C HIS A 152 11.48 -10.50 9.68
N ILE A 153 11.09 -11.11 8.57
CA ILE A 153 9.85 -10.73 7.86
C ILE A 153 9.11 -12.00 7.50
N SER A 154 7.80 -12.01 7.76
CA SER A 154 6.92 -13.10 7.38
C SER A 154 6.07 -12.61 6.21
N MET A 155 5.78 -13.51 5.29
CA MET A 155 4.93 -13.21 4.18
C MET A 155 3.71 -14.09 4.25
N LEU A 156 2.56 -13.50 3.98
CA LEU A 156 1.33 -14.21 3.95
C LEU A 156 0.68 -14.00 2.57
N VAL A 157 0.27 -15.09 1.94
CA VAL A 157 -0.57 -15.05 0.77
C VAL A 157 -1.90 -15.69 1.12
N PHE A 158 -2.99 -14.98 0.84
CA PHE A 158 -4.32 -15.49 1.11
C PHE A 158 -5.22 -15.19 -0.08
N GLY A 159 -6.37 -15.86 -0.15
CA GLY A 159 -7.28 -15.72 -1.25
C GLY A 159 -8.05 -16.99 -1.55
N ASP A 160 -8.73 -16.97 -2.69
CA ASP A 160 -9.55 -18.09 -3.11
C ASP A 160 -9.09 -18.54 -4.48
N GLU A 161 -9.96 -19.22 -5.23
CA GLU A 161 -9.55 -19.80 -6.47
C GLU A 161 -9.40 -18.74 -7.57
N THR A 162 -9.96 -17.56 -7.36
CA THR A 162 -9.97 -16.50 -8.39
CA THR A 162 -9.98 -16.50 -8.37
C THR A 162 -9.14 -15.25 -7.99
N HIS A 163 -8.98 -15.00 -6.68
CA HIS A 163 -8.30 -13.79 -6.20
C HIS A 163 -7.25 -14.11 -5.16
N SER A 164 -6.14 -13.37 -5.20
CA SER A 164 -5.07 -13.49 -4.24
C SER A 164 -4.63 -12.12 -3.69
N HIS A 165 -4.12 -12.13 -2.47
CA HIS A 165 -3.60 -10.95 -1.81
C HIS A 165 -2.40 -11.40 -1.04
N PHE A 166 -1.46 -10.49 -0.81
CA PHE A 166 -0.34 -10.77 0.06
C PHE A 166 -0.13 -9.65 1.06
N LEU A 167 0.59 -10.01 2.11
CA LEU A 167 1.05 -9.09 3.11
C LEU A 167 2.41 -9.54 3.57
N VAL A 168 3.22 -8.57 3.93
CA VAL A 168 4.35 -8.87 4.80
C VAL A 168 3.96 -8.42 6.21
N ILE A 169 4.41 -9.20 7.20
CA ILE A 169 4.06 -8.93 8.58
C ILE A 169 5.24 -9.22 9.50
N GLY A 170 5.09 -8.82 10.76
CA GLY A 170 6.07 -9.10 11.77
C GLY A 170 6.62 -7.82 12.34
N GLN A 171 7.61 -7.97 13.22
CA GLN A 171 8.06 -6.82 13.99
C GLN A 171 8.78 -5.82 13.11
N ALA A 172 9.49 -6.30 12.11
CA ALA A 172 10.22 -5.37 11.24
C ALA A 172 9.24 -4.53 10.43
N VAL A 173 8.15 -5.16 10.03
CA VAL A 173 7.09 -4.44 9.32
C VAL A 173 6.45 -3.40 10.25
N ASP A 174 6.12 -3.80 11.46
CA ASP A 174 5.59 -2.86 12.47
C ASP A 174 6.57 -1.73 12.67
N ASP A 175 7.85 -2.11 12.84
CA ASP A 175 8.96 -1.17 13.04
C ASP A 175 9.07 -0.12 11.96
N VAL A 176 8.89 -0.53 10.70
CA VAL A 176 9.10 0.42 9.63
C VAL A 176 8.00 1.50 9.67
N ARG A 177 6.79 1.09 10.06
CA ARG A 177 5.66 2.04 10.21
C ARG A 177 5.94 3.02 11.34
N LEU A 178 6.35 2.47 12.48
CA LEU A 178 6.69 3.31 13.67
C LEU A 178 7.80 4.32 13.33
N ALA A 179 8.86 3.83 12.69
CA ALA A 179 9.96 4.68 12.25
C ALA A 179 9.53 5.80 11.32
N GLN A 180 8.71 5.48 10.32
CA GLN A 180 8.29 6.49 9.35
C GLN A 180 7.44 7.59 10.02
N ASN A 181 6.59 7.24 10.97
CA ASN A 181 5.77 8.32 11.57
C ASN A 181 6.47 9.12 12.67
N MET A 182 7.68 8.71 13.03
CA MET A 182 8.60 9.57 13.81
C MET A 182 9.34 10.56 12.92
N ALA A 183 9.42 10.24 11.63
CA ALA A 183 10.15 11.09 10.70
C ALA A 183 9.43 12.41 10.47
N GLN A 184 10.20 13.50 10.48
CA GLN A 184 9.74 14.77 9.96
C GLN A 184 10.06 14.77 8.48
N MET A 185 9.56 15.77 7.76
CA MET A 185 9.93 15.94 6.36
C MET A 185 11.45 15.96 6.21
N ASN A 186 11.95 15.23 5.22
CA ASN A 186 13.38 15.10 4.91
C ASN A 186 14.16 14.13 5.81
N ASP A 187 13.51 13.51 6.79
CA ASP A 187 14.20 12.61 7.72
C ASP A 187 14.30 11.18 7.18
N VAL A 188 15.36 10.49 7.59
CA VAL A 188 15.49 9.05 7.47
C VAL A 188 15.65 8.53 8.90
N ILE A 189 14.68 7.76 9.34
CA ILE A 189 14.66 7.19 10.68
C ILE A 189 14.87 5.68 10.60
N LEU A 190 15.77 5.15 11.43
CA LEU A 190 16.04 3.72 11.50
C LEU A 190 15.34 3.09 12.69
N SER A 191 14.67 1.96 12.50
CA SER A 191 14.10 1.23 13.62
C SER A 191 15.25 0.87 14.57
N PRO A 192 14.93 0.60 15.85
CA PRO A 192 15.99 0.13 16.76
C PRO A 192 16.78 -1.04 16.20
N ASN A 193 16.10 -2.06 15.66
CA ASN A 193 16.80 -3.24 15.13
C ASN A 193 17.68 -2.91 13.93
N CYS A 194 17.16 -2.06 13.05
CA CYS A 194 17.93 -1.57 11.92
C CYS A 194 19.23 -0.92 12.37
N TRP A 195 19.10 0.00 13.31
CA TRP A 195 20.27 0.64 13.93
C TRP A 195 21.24 -0.38 14.56
N GLN A 196 20.69 -1.37 15.25
CA GLN A 196 21.48 -2.47 15.85
C GLN A 196 22.28 -3.27 14.82
N LEU A 197 21.69 -3.46 13.64
CA LEU A 197 22.26 -4.33 12.61
C LEU A 197 23.08 -3.58 11.59
N CYS A 198 23.04 -2.26 11.60
CA CYS A 198 23.68 -1.50 10.56
C CYS A 198 25.21 -1.31 10.72
N ASP A 199 25.83 -0.83 9.66
CA ASP A 199 27.26 -0.54 9.67
C ASP A 199 27.48 0.82 10.28
N ARG A 200 27.71 0.84 11.58
CA ARG A 200 27.77 2.14 12.29
C ARG A 200 28.92 3.04 11.86
N SER A 201 29.95 2.47 11.24
CA SER A 201 31.06 3.24 10.69
C SER A 201 30.65 4.12 9.51
N MET A 202 29.55 3.78 8.85
CA MET A 202 29.08 4.50 7.69
C MET A 202 28.34 5.80 8.01
N ILE A 203 27.70 5.84 9.17
CA ILE A 203 26.66 6.84 9.42
C ILE A 203 26.74 7.53 10.78
N GLU A 204 26.32 8.79 10.80
CA GLU A 204 26.17 9.57 12.02
C GLU A 204 24.68 9.65 12.30
N ILE A 205 24.26 9.28 13.50
CA ILE A 205 22.86 9.33 13.91
C ILE A 205 22.65 10.26 15.09
N GLU A 206 21.38 10.51 15.40
CA GLU A 206 21.01 11.07 16.68
C GLU A 206 19.78 10.38 17.25
N SER A 207 19.64 10.56 18.56
CA SER A 207 18.55 10.00 19.32
C SER A 207 17.25 10.61 18.86
N VAL A 208 16.19 9.85 19.04
CA VAL A 208 14.82 10.34 18.88
C VAL A 208 14.25 10.32 20.29
N PRO A 209 13.83 11.50 20.80
CA PRO A 209 13.33 11.60 22.17
C PRO A 209 12.31 10.52 22.53
N ASP A 210 12.50 9.90 23.69
CA ASP A 210 11.59 8.86 24.20
C ASP A 210 11.41 7.73 23.19
N GLN A 211 12.48 7.43 22.47
CA GLN A 211 12.46 6.41 21.40
C GLN A 211 13.85 5.78 21.21
N ARG A 212 13.86 4.46 20.99
CA ARG A 212 15.10 3.76 20.68
C ARG A 212 15.47 3.84 19.20
N ALA A 213 14.49 4.20 18.34
CA ALA A 213 14.77 4.45 16.92
C ALA A 213 15.77 5.58 16.82
N VAL A 214 16.46 5.68 15.69
CA VAL A 214 17.42 6.76 15.50
C VAL A 214 17.23 7.48 14.18
N LYS A 215 17.70 8.71 14.14
CA LYS A 215 17.65 9.53 12.95
C LYS A 215 19.02 9.55 12.34
N VAL A 216 19.08 9.36 11.01
CA VAL A 216 20.33 9.44 10.27
C VAL A 216 20.62 10.90 10.00
N ASN A 217 21.71 11.40 10.56
CA ASN A 217 22.15 12.75 10.21
C ASN A 217 22.95 12.74 8.94
N PHE A 218 23.89 11.81 8.84
CA PHE A 218 24.78 11.74 7.68
C PHE A 218 25.23 10.33 7.38
N LEU A 219 25.49 10.10 6.09
CA LEU A 219 26.23 8.96 5.62
C LEU A 219 27.62 9.48 5.32
N LYS A 220 28.55 9.15 6.20
CA LYS A 220 29.94 9.59 6.10
C LYS A 220 30.79 8.31 6.02
N PRO A 221 31.10 7.89 4.78
CA PRO A 221 31.80 6.64 4.56
C PRO A 221 33.30 6.79 4.86
N PRO A 222 33.97 5.69 5.26
CA PRO A 222 35.43 5.73 5.43
C PRO A 222 36.17 6.27 4.20
N PRO A 223 37.39 6.79 4.42
CA PRO A 223 38.28 7.36 3.43
C PRO A 223 38.42 6.70 2.08
N ASN A 224 38.59 5.37 2.00
CA ASN A 224 38.77 4.74 0.68
C ASN A 224 37.49 3.99 0.20
N PHE A 225 36.34 4.38 0.75
CA PHE A 225 35.06 3.77 0.38
C PHE A 225 34.64 4.29 -0.98
N ASN A 226 34.14 3.40 -1.82
CA ASN A 226 33.63 3.78 -3.14
C ASN A 226 32.24 3.17 -3.28
N PHE A 227 31.20 4.01 -3.25
CA PHE A 227 29.85 3.44 -3.15
C PHE A 227 29.53 2.55 -4.35
N ASP A 228 29.93 2.98 -5.53
CA ASP A 228 29.65 2.19 -6.74
C ASP A 228 30.26 0.78 -6.66
N GLU A 229 31.51 0.65 -6.23
CA GLU A 229 32.12 -0.65 -6.05
C GLU A 229 31.44 -1.43 -4.96
N PHE A 230 31.04 -0.73 -3.89
CA PHE A 230 30.36 -1.36 -2.76
C PHE A 230 29.01 -1.91 -3.20
N PHE A 231 28.31 -1.09 -3.96
CA PHE A 231 27.03 -1.50 -4.53
C PHE A 231 27.21 -2.71 -5.42
N THR A 232 28.19 -2.69 -6.31
CA THR A 232 28.41 -3.84 -7.18
C THR A 232 28.60 -5.12 -6.37
N LYS A 233 29.40 -5.04 -5.29
CA LYS A 233 29.57 -6.18 -4.42
C LYS A 233 28.22 -6.64 -3.86
N CYS A 234 27.39 -5.69 -3.48
CA CYS A 234 26.10 -6.01 -2.89
C CYS A 234 25.17 -6.69 -3.89
N THR A 235 25.32 -6.39 -5.16
CA THR A 235 24.44 -6.99 -6.22
C THR A 235 24.58 -8.49 -6.33
N THR A 236 25.70 -9.03 -5.83
CA THR A 236 25.91 -10.46 -5.76
C THR A 236 24.79 -11.14 -5.05
N PHE A 237 24.21 -10.44 -4.07
CA PHE A 237 23.13 -10.98 -3.24
C PHE A 237 21.73 -10.54 -3.64
N MET A 238 21.60 -9.91 -4.81
CA MET A 238 20.32 -9.38 -5.32
C MET A 238 19.93 -10.23 -6.52
N HIS A 239 19.01 -11.15 -6.27
CA HIS A 239 18.70 -12.23 -7.21
C HIS A 239 18.24 -11.70 -8.55
N TYR A 240 17.44 -10.64 -8.53
CA TYR A 240 16.82 -10.16 -9.79
C TYR A 240 17.28 -8.83 -10.32
N TYR A 241 18.44 -8.36 -9.85
CA TYR A 241 18.97 -7.08 -10.31
C TYR A 241 19.26 -7.14 -11.77
N PRO A 242 18.68 -6.24 -12.58
CA PRO A 242 18.91 -6.29 -14.02
C PRO A 242 20.36 -6.16 -14.38
N SER A 243 20.84 -7.10 -15.21
CA SER A 243 22.27 -7.16 -15.47
C SER A 243 22.57 -7.70 -16.85
N GLY A 244 23.84 -7.59 -17.24
CA GLY A 244 24.29 -8.06 -18.54
C GLY A 244 23.54 -7.39 -19.67
N GLU A 245 22.99 -8.20 -20.56
CA GLU A 245 22.24 -7.67 -21.67
C GLU A 245 20.99 -6.92 -21.20
N HIS A 246 20.57 -7.13 -19.96
CA HIS A 246 19.38 -6.45 -19.43
C HIS A 246 19.65 -5.38 -18.42
N LYS A 247 20.92 -4.94 -18.34
CA LYS A 247 21.26 -3.86 -17.43
C LYS A 247 20.59 -2.50 -17.75
N ASN A 248 19.99 -2.37 -18.93
CA ASN A 248 19.27 -1.13 -19.32
C ASN A 248 17.83 -1.07 -18.82
N LEU A 249 17.37 -2.15 -18.22
CA LEU A 249 15.97 -2.25 -17.76
C LEU A 249 15.89 -1.94 -16.30
N LEU A 250 14.75 -1.40 -15.89
CA LEU A 250 14.52 -1.13 -14.49
C LEU A 250 14.06 -2.37 -13.70
N ARG A 251 13.45 -3.31 -14.38
CA ARG A 251 12.99 -4.56 -13.77
C ARG A 251 13.22 -5.72 -14.69
N LEU A 252 13.75 -6.80 -14.12
CA LEU A 252 13.76 -8.10 -14.79
C LEU A 252 12.38 -8.49 -15.26
N ALA A 253 11.34 -8.07 -14.55
CA ALA A 253 9.97 -8.46 -14.88
C ALA A 253 9.57 -7.96 -16.27
N CME A 254 10.26 -6.94 -16.78
CA CME A 254 10.06 -6.46 -18.16
CB CME A 254 10.88 -5.19 -18.42
SG CME A 254 10.45 -3.81 -17.35
SD CME A 254 8.39 -3.72 -17.46
CE CME A 254 7.92 -4.86 -16.12
CZ CME A 254 6.59 -4.38 -15.62
OH CME A 254 5.67 -4.30 -16.69
C CME A 254 10.42 -7.52 -19.20
O CME A 254 10.00 -7.40 -20.33
N THR A 255 11.18 -8.55 -18.80
CA THR A 255 11.61 -9.61 -19.73
C THR A 255 10.76 -10.86 -19.65
N LEU A 256 9.68 -10.82 -18.87
CA LEU A 256 8.82 -11.99 -18.71
C LEU A 256 8.22 -12.40 -20.03
N LYS A 257 8.20 -13.70 -20.28
CA LYS A 257 7.63 -14.19 -21.50
C LYS A 257 6.30 -14.87 -21.19
N PRO A 258 5.43 -14.91 -22.20
CA PRO A 258 4.18 -15.63 -22.04
C PRO A 258 4.36 -17.03 -21.44
N ASP A 259 3.45 -17.32 -20.53
CA ASP A 259 3.49 -18.50 -19.69
C ASP A 259 2.10 -18.52 -19.08
N PRO A 260 1.18 -19.28 -19.68
CA PRO A 260 -0.20 -19.25 -19.18
C PRO A 260 -0.38 -19.64 -17.72
N GLU A 261 0.39 -20.59 -17.22
CA GLU A 261 0.28 -20.98 -15.80
C GLU A 261 0.69 -19.83 -14.88
N LEU A 262 1.78 -19.14 -15.25
CA LEU A 262 2.26 -18.02 -14.46
C LEU A 262 1.26 -16.88 -14.53
N GLU A 263 0.78 -16.59 -15.72
CA GLU A 263 -0.18 -15.50 -15.86
C GLU A 263 -1.48 -15.79 -15.11
N MET A 264 -1.94 -17.03 -15.14
CA MET A 264 -3.11 -17.41 -14.33
C MET A 264 -2.93 -17.09 -12.85
N SER A 265 -1.74 -17.35 -12.35
CA SER A 265 -1.43 -17.06 -10.97
C SER A 265 -1.31 -15.54 -10.70
N LEU A 266 -0.60 -14.82 -11.55
CA LEU A 266 -0.43 -13.39 -11.30
C LEU A 266 -1.71 -12.57 -11.45
N GLN A 267 -2.56 -12.90 -12.40
CA GLN A 267 -3.76 -12.09 -12.62
C GLN A 267 -4.67 -12.06 -11.43
N LYS A 268 -4.55 -13.08 -10.58
CA LYS A 268 -5.43 -13.19 -9.41
C LYS A 268 -5.27 -12.04 -8.43
N TYR A 269 -4.11 -11.38 -8.49
CA TYR A 269 -3.81 -10.25 -7.65
C TYR A 269 -4.33 -8.90 -8.17
N VAL A 270 -4.86 -8.88 -9.37
CA VAL A 270 -5.11 -7.65 -10.10
C VAL A 270 -6.59 -7.56 -10.40
N MET A 271 -7.17 -6.40 -10.13
CA MET A 271 -8.58 -6.19 -10.34
C MET A 271 -9.00 -6.39 -11.79
N GLU A 272 -10.23 -6.89 -12.00
CA GLU A 272 -10.68 -7.26 -13.33
C GLU A 272 -10.69 -6.04 -14.28
N SER A 273 -11.06 -4.86 -13.77
CA SER A 273 -11.07 -3.65 -14.59
C SER A 273 -9.67 -3.29 -15.07
N ILE A 274 -8.66 -3.58 -14.25
CA ILE A 274 -7.29 -3.34 -14.66
C ILE A 274 -6.92 -4.33 -15.75
N LEU A 275 -7.33 -5.60 -15.58
CA LEU A 275 -7.05 -6.62 -16.62
C LEU A 275 -7.71 -6.24 -17.93
N LYS A 276 -8.89 -5.65 -17.88
CA LYS A 276 -9.56 -5.23 -19.09
C LYS A 276 -8.75 -4.21 -19.86
N GLN A 277 -8.16 -3.25 -19.15
CA GLN A 277 -7.26 -2.28 -19.75
C GLN A 277 -5.99 -2.91 -20.31
N ILE A 278 -5.41 -3.80 -19.52
CA ILE A 278 -4.24 -4.57 -19.95
C ILE A 278 -4.47 -5.31 -21.25
N ASP A 279 -5.68 -5.83 -21.40
CA ASP A 279 -6.06 -6.59 -22.60
C ASP A 279 -6.52 -5.68 -23.75
N ASN A 280 -6.30 -4.37 -23.62
CA ASN A 280 -6.77 -3.41 -24.63
C ASN A 280 -8.26 -3.54 -24.98
N LYS A 281 -9.08 -3.80 -23.96
CA LYS A 281 -10.54 -3.87 -24.10
C LYS A 281 -11.22 -2.72 -23.38
N GLN A 282 -10.41 -1.79 -22.88
CA GLN A 282 -10.87 -0.59 -22.24
CA GLN A 282 -10.92 -0.54 -22.27
C GLN A 282 -9.81 0.50 -22.46
N LEU A 283 -10.25 1.72 -22.63
CA LEU A 283 -9.34 2.84 -22.84
C LEU A 283 -8.40 3.02 -21.66
N GLN A 284 -7.15 3.36 -21.95
CA GLN A 284 -6.04 3.32 -20.98
C GLN A 284 -6.21 4.36 -19.93
N GLY A 285 -7.06 5.35 -20.18
CA GLY A 285 -7.35 6.42 -19.24
C GLY A 285 -8.67 6.34 -18.51
N TYR A 286 -9.48 5.29 -18.78
CA TYR A 286 -10.79 5.11 -18.19
C TYR A 286 -10.79 5.07 -16.64
N LEU A 287 -9.71 4.57 -16.07
CA LEU A 287 -9.71 4.35 -14.61
C LEU A 287 -9.18 5.54 -13.80
N SER A 288 -8.73 6.62 -14.45
CA SER A 288 -8.33 7.83 -13.75
C SER A 288 -9.58 8.68 -13.59
N GLU A 289 -10.07 8.79 -12.38
CA GLU A 289 -11.28 9.57 -12.18
C GLU A 289 -11.39 10.09 -10.77
N LEU A 290 -12.15 11.17 -10.65
CA LEU A 290 -12.65 11.66 -9.39
C LEU A 290 -14.06 11.17 -9.35
N ARG A 291 -14.33 10.26 -8.44
CA ARG A 291 -15.52 9.43 -8.49
C ARG A 291 -16.13 9.42 -7.09
N PRO A 292 -17.46 9.55 -6.99
CA PRO A 292 -18.07 9.32 -5.68
C PRO A 292 -18.13 7.83 -5.40
N VAL A 293 -17.61 7.46 -4.22
CA VAL A 293 -17.60 6.10 -3.78
C VAL A 293 -17.92 6.04 -2.28
N THR A 294 -18.11 4.83 -1.80
CA THR A 294 -18.16 4.58 -0.36
C THR A 294 -17.03 3.68 0.02
N ILE A 295 -16.25 4.14 0.98
CA ILE A 295 -15.11 3.42 1.49
C ILE A 295 -15.59 2.65 2.73
N VAL A 296 -15.31 1.36 2.76
CA VAL A 296 -15.54 0.52 3.94
C VAL A 296 -14.19 -0.04 4.32
N PHE A 297 -13.66 0.52 5.39
CA PHE A 297 -12.32 0.19 5.85
C PHE A 297 -12.45 -0.72 7.06
N VAL A 298 -11.98 -1.96 6.91
CA VAL A 298 -12.15 -3.01 7.90
C VAL A 298 -10.83 -3.26 8.56
N ASN A 299 -10.81 -3.16 9.89
CA ASN A 299 -9.64 -3.50 10.66
C ASN A 299 -9.87 -4.69 11.54
N LEU A 300 -8.95 -5.64 11.48
CA LEU A 300 -8.98 -6.86 12.26
C LEU A 300 -7.78 -6.81 13.18
N MET A 301 -8.06 -6.81 14.47
CA MET A 301 -6.99 -6.89 15.48
C MET A 301 -6.92 -8.29 16.05
N PHE A 302 -5.72 -8.84 16.20
CA PHE A 302 -5.57 -10.24 16.63
C PHE A 302 -5.21 -10.43 18.08
N GLU A 303 -5.68 -11.56 18.61
CA GLU A 303 -5.54 -11.92 20.01
C GLU A 303 -4.07 -11.95 20.34
N ASP A 304 -3.30 -12.69 19.53
CA ASP A 304 -1.84 -12.62 19.56
C ASP A 304 -1.29 -12.00 18.27
N GLN A 305 -0.82 -10.78 18.43
CA GLN A 305 -0.34 -9.96 17.33
C GLN A 305 0.98 -10.36 16.66
N ASP A 306 1.80 -11.14 17.36
CA ASP A 306 3.13 -11.52 16.86
C ASP A 306 3.18 -12.94 16.27
N LYS A 307 2.08 -13.69 16.41
CA LYS A 307 2.05 -15.11 15.98
C LYS A 307 1.51 -15.29 14.56
N ALA A 308 2.40 -15.11 13.59
CA ALA A 308 2.05 -15.23 12.16
C ALA A 308 1.27 -16.51 11.81
N GLU A 309 1.61 -17.58 12.51
CA GLU A 309 1.04 -18.90 12.28
C GLU A 309 -0.43 -18.93 12.67
N GLU A 310 -0.83 -18.05 13.59
CA GLU A 310 -2.23 -17.88 13.99
C GLU A 310 -2.94 -16.83 13.14
N ILE A 311 -2.24 -15.76 12.76
CA ILE A 311 -2.94 -14.68 12.08
C ILE A 311 -3.28 -15.09 10.64
N GLY A 312 -2.41 -15.87 10.00
CA GLY A 312 -2.65 -16.29 8.63
C GLY A 312 -4.00 -16.96 8.40
N PRO A 313 -4.29 -18.05 9.12
CA PRO A 313 -5.62 -18.64 8.97
C PRO A 313 -6.76 -17.70 9.30
N ALA A 314 -6.58 -16.84 10.29
CA ALA A 314 -7.61 -15.87 10.68
C ALA A 314 -7.93 -14.89 9.56
N ILE A 315 -6.90 -14.36 8.93
CA ILE A 315 -7.09 -13.46 7.81
C ILE A 315 -7.74 -14.17 6.63
N GLN A 316 -7.31 -15.40 6.37
CA GLN A 316 -7.89 -16.20 5.32
C GLN A 316 -9.39 -16.42 5.59
N ASP A 317 -9.75 -16.76 6.81
CA ASP A 317 -11.16 -17.01 7.13
C ASP A 317 -11.99 -15.73 6.96
N ALA A 318 -11.44 -14.60 7.42
CA ALA A 318 -12.10 -13.32 7.28
C ALA A 318 -12.27 -12.96 5.81
N TYR A 319 -11.18 -13.10 5.06
CA TYR A 319 -11.18 -12.85 3.64
C TYR A 319 -12.29 -13.61 2.93
N MET A 320 -12.42 -14.90 3.21
CA MET A 320 -13.44 -15.71 2.52
C MET A 320 -14.83 -15.10 2.75
N HIS A 321 -15.09 -14.63 3.95
CA HIS A 321 -16.37 -14.01 4.21
C HIS A 321 -16.50 -12.66 3.54
N ILE A 322 -15.49 -11.83 3.74
CA ILE A 322 -15.45 -10.47 3.17
C ILE A 322 -15.70 -10.51 1.66
N THR A 323 -14.98 -11.38 0.96
CA THR A 323 -15.16 -11.43 -0.48
C THR A 323 -16.58 -11.85 -0.87
N SER A 324 -17.20 -12.77 -0.13
CA SER A 324 -18.57 -13.19 -0.45
C SER A 324 -19.58 -12.05 -0.29
N VAL A 325 -19.42 -11.31 0.80
CA VAL A 325 -20.28 -10.14 1.08
C VAL A 325 -20.06 -9.04 0.02
N LEU A 326 -18.80 -8.79 -0.32
CA LEU A 326 -18.52 -7.75 -1.30
C LEU A 326 -19.11 -8.11 -2.68
N LYS A 327 -19.03 -9.38 -3.07
CA LYS A 327 -19.60 -9.88 -4.35
C LYS A 327 -21.08 -9.52 -4.46
N ILE A 328 -21.76 -9.71 -3.36
CA ILE A 328 -23.21 -9.48 -3.30
C ILE A 328 -23.55 -8.03 -3.68
N PHE A 329 -22.62 -7.09 -3.51
CA PHE A 329 -22.87 -5.68 -3.95
C PHE A 329 -21.81 -5.02 -4.81
N GLN A 330 -20.98 -5.85 -5.45
CA GLN A 330 -19.94 -5.38 -6.37
C GLN A 330 -18.94 -4.47 -5.65
N GLY A 331 -18.88 -4.57 -4.32
CA GLY A 331 -17.77 -3.97 -3.60
C GLY A 331 -16.48 -4.66 -4.02
N GLN A 332 -15.36 -3.96 -3.86
CA GLN A 332 -14.07 -4.51 -4.19
C GLN A 332 -13.01 -4.19 -3.13
N ILE A 333 -12.14 -5.16 -2.85
CA ILE A 333 -10.98 -4.89 -2.02
C ILE A 333 -9.96 -4.17 -2.87
N ASN A 334 -9.62 -2.94 -2.50
CA ASN A 334 -8.60 -2.17 -3.23
C ASN A 334 -7.19 -2.41 -2.68
N LYS A 335 -7.06 -2.53 -1.37
CA LYS A 335 -5.79 -2.78 -0.70
C LYS A 335 -6.01 -3.56 0.57
N VAL A 336 -4.99 -4.32 0.96
CA VAL A 336 -4.91 -4.90 2.27
C VAL A 336 -3.58 -4.48 2.85
N PHE A 337 -3.63 -4.05 4.10
CA PHE A 337 -2.50 -3.48 4.79
C PHE A 337 -2.38 -4.11 6.15
N MET A 338 -1.16 -4.16 6.68
CA MET A 338 -0.97 -4.66 8.02
C MET A 338 0.25 -4.14 8.77
N PHE A 339 -0.01 -3.62 9.96
CA PHE A 339 0.99 -3.04 10.88
C PHE A 339 0.30 -3.02 12.23
N ASP A 340 1.01 -2.62 13.28
CA ASP A 340 0.39 -2.43 14.59
C ASP A 340 -0.29 -3.71 14.99
N LYS A 341 -0.03 -4.77 14.21
CA LYS A 341 -0.72 -6.05 14.29
C LYS A 341 -2.13 -6.06 13.70
N GLY A 342 -2.71 -4.92 13.35
CA GLY A 342 -4.05 -4.91 12.74
C GLY A 342 -3.96 -5.08 11.23
N CYS A 343 -4.78 -5.98 10.70
CA CYS A 343 -4.92 -6.18 9.29
C CYS A 343 -6.13 -5.41 8.80
N SER A 344 -5.92 -4.56 7.82
CA SER A 344 -7.01 -3.70 7.35
C SER A 344 -7.29 -3.89 5.87
N PHE A 345 -8.58 -3.95 5.54
CA PHE A 345 -9.03 -4.15 4.18
C PHE A 345 -9.67 -2.87 3.74
N LEU A 346 -9.11 -2.26 2.69
CA LEU A 346 -9.69 -1.04 2.12
C LEU A 346 -10.65 -1.47 1.06
N CYS A 347 -11.94 -1.48 1.40
CA CYS A 347 -12.99 -1.86 0.47
C CYS A 347 -13.67 -0.66 -0.10
N VAL A 348 -14.06 -0.79 -1.38
CA VAL A 348 -14.66 0.30 -2.12
C VAL A 348 -15.93 -0.16 -2.86
N PHE A 349 -16.97 0.66 -2.70
CA PHE A 349 -18.28 0.49 -3.36
C PHE A 349 -18.44 1.68 -4.29
N GLY A 350 -18.85 1.42 -5.52
CA GLY A 350 -18.88 2.44 -6.58
C GLY A 350 -17.61 2.66 -7.42
N PHE A 351 -16.73 1.66 -7.53
CA PHE A 351 -15.60 1.77 -8.45
C PHE A 351 -16.15 1.84 -9.87
N PRO A 352 -15.28 2.15 -10.86
CA PRO A 352 -15.68 2.19 -12.29
C PRO A 352 -16.38 0.94 -12.79
N GLY A 353 -17.53 1.15 -13.41
CA GLY A 353 -18.34 0.07 -13.98
C GLY A 353 -19.07 -0.74 -12.94
N GLU A 354 -19.05 -0.24 -11.69
CA GLU A 354 -19.64 -0.95 -10.57
C GLU A 354 -20.60 0.03 -9.84
N LYS A 355 -21.26 0.89 -10.62
CA LYS A 355 -22.27 1.86 -10.13
C LYS A 355 -23.33 1.15 -9.29
N VAL A 356 -24.60 1.52 -9.40
CA VAL A 356 -25.69 0.81 -8.71
C VAL A 356 -26.15 1.66 -7.53
N PRO A 357 -27.46 1.98 -7.49
CA PRO A 357 -27.99 2.80 -6.40
C PRO A 357 -28.07 2.03 -5.08
N ASP A 358 -28.34 2.78 -4.00
CA ASP A 358 -28.41 2.26 -2.62
C ASP A 358 -27.03 1.82 -2.17
N GLU A 359 -26.01 2.42 -2.79
CA GLU A 359 -24.63 2.11 -2.41
C GLU A 359 -24.43 2.27 -0.90
N LEU A 360 -25.10 3.25 -0.29
CA LEU A 360 -24.93 3.57 1.12
C LEU A 360 -25.56 2.56 2.06
N THR A 361 -26.82 2.26 1.82
CA THR A 361 -27.52 1.24 2.57
C THR A 361 -26.79 -0.10 2.50
N HIS A 362 -26.39 -0.46 1.30
CA HIS A 362 -25.67 -1.70 1.06
C HIS A 362 -24.29 -1.69 1.71
N ALA A 363 -23.56 -0.57 1.64
CA ALA A 363 -22.25 -0.46 2.29
C ALA A 363 -22.42 -0.71 3.81
N LEU A 364 -23.44 -0.11 4.40
CA LEU A 364 -23.64 -0.27 5.83
C LEU A 364 -24.01 -1.70 6.19
N GLU A 365 -24.94 -2.28 5.43
CA GLU A 365 -25.38 -3.66 5.66
C GLU A 365 -24.21 -4.63 5.45
N CYS A 366 -23.41 -4.37 4.43
CA CYS A 366 -22.20 -5.15 4.20
CA CYS A 366 -22.20 -5.15 4.20
C CYS A 366 -21.21 -5.03 5.35
N ALA A 367 -21.02 -3.80 5.81
CA ALA A 367 -20.16 -3.56 6.96
C ALA A 367 -20.62 -4.37 8.17
N MET A 368 -21.93 -4.32 8.46
CA MET A 368 -22.45 -5.05 9.62
C MET A 368 -22.25 -6.55 9.46
N ASP A 369 -22.51 -7.06 8.27
CA ASP A 369 -22.34 -8.47 8.00
C ASP A 369 -20.89 -8.90 8.26
N ILE A 370 -19.97 -8.15 7.68
CA ILE A 370 -18.56 -8.40 7.92
C ILE A 370 -18.20 -8.31 9.40
N PHE A 371 -18.68 -7.28 10.06
CA PHE A 371 -18.41 -7.12 11.47
C PHE A 371 -18.85 -8.38 12.24
N ASP A 372 -20.08 -8.81 12.01
CA ASP A 372 -20.65 -9.91 12.81
C ASP A 372 -19.90 -11.18 12.56
N PHE A 373 -19.64 -11.46 11.30
CA PHE A 373 -18.93 -12.69 10.95
C PHE A 373 -17.50 -12.69 11.46
N CYS A 374 -16.76 -11.63 11.17
CA CYS A 374 -15.34 -11.62 11.52
C CYS A 374 -15.15 -11.59 13.03
N SER A 375 -16.09 -11.01 13.74
CA SER A 375 -16.00 -11.02 15.19
C SER A 375 -16.02 -12.46 15.78
N GLN A 376 -16.49 -13.43 14.99
CA GLN A 376 -16.59 -14.84 15.41
C GLN A 376 -15.46 -15.67 14.90
N VAL A 377 -14.52 -15.04 14.23
CA VAL A 377 -13.42 -15.76 13.65
C VAL A 377 -12.41 -16.00 14.73
N HIS A 378 -11.96 -17.25 14.79
CA HIS A 378 -10.94 -17.68 15.72
C HIS A 378 -9.72 -16.77 15.61
N LYS A 379 -9.31 -16.26 16.77
CA LYS A 379 -8.14 -15.42 16.92
C LYS A 379 -8.33 -13.97 16.55
N ILE A 380 -9.47 -13.59 16.00
CA ILE A 380 -9.71 -12.19 15.78
C ILE A 380 -10.28 -11.62 17.07
N GLN A 381 -9.56 -10.68 17.68
CA GLN A 381 -9.92 -10.10 18.97
C GLN A 381 -10.94 -8.98 18.84
N THR A 382 -10.69 -8.07 17.90
CA THR A 382 -11.53 -6.94 17.67
C THR A 382 -11.69 -6.65 16.19
N VAL A 383 -12.92 -6.36 15.78
CA VAL A 383 -13.18 -5.87 14.44
C VAL A 383 -13.68 -4.44 14.55
N SER A 384 -13.20 -3.58 13.66
CA SER A 384 -13.62 -2.20 13.62
C SER A 384 -13.79 -1.80 12.17
N ILE A 385 -14.85 -1.07 11.88
CA ILE A 385 -15.15 -0.75 10.48
C ILE A 385 -15.55 0.69 10.35
N GLY A 386 -14.85 1.40 9.47
CA GLY A 386 -15.18 2.77 9.16
C GLY A 386 -15.79 2.92 7.79
N VAL A 387 -16.89 3.67 7.71
CA VAL A 387 -17.62 3.85 6.45
C VAL A 387 -17.73 5.34 6.15
N ALA A 388 -17.20 5.75 4.99
CA ALA A 388 -17.18 7.14 4.61
C ALA A 388 -17.45 7.20 3.13
N SER A 389 -18.15 8.25 2.71
CA SER A 389 -18.62 8.35 1.32
C SER A 389 -18.37 9.75 0.81
N GLY A 390 -17.80 9.82 -0.37
CA GLY A 390 -17.56 11.11 -1.00
C GLY A 390 -16.73 10.91 -2.23
N ILE A 391 -16.23 12.03 -2.75
CA ILE A 391 -15.43 12.02 -3.97
C ILE A 391 -14.01 11.65 -3.67
N VAL A 392 -13.52 10.63 -4.38
CA VAL A 392 -12.15 10.20 -4.18
C VAL A 392 -11.50 10.09 -5.53
N PHE A 393 -10.18 10.23 -5.54
CA PHE A 393 -9.42 9.99 -6.74
C PHE A 393 -9.12 8.51 -6.85
N CYS A 394 -9.37 7.95 -8.05
CA CYS A 394 -9.02 6.60 -8.39
C CYS A 394 -8.08 6.69 -9.58
N GLY A 395 -7.02 5.87 -9.54
CA GLY A 395 -6.20 5.77 -10.73
C GLY A 395 -5.00 4.87 -10.51
N ILE A 396 -4.31 4.57 -11.60
CA ILE A 396 -3.10 3.77 -11.52
C ILE A 396 -1.96 4.71 -11.18
N VAL A 397 -1.39 4.48 -10.01
CA VAL A 397 -0.33 5.32 -9.51
C VAL A 397 0.99 4.60 -9.48
N GLY A 398 2.04 5.29 -9.91
CA GLY A 398 3.41 4.77 -9.86
C GLY A 398 4.13 5.02 -11.16
N HIS A 399 5.09 4.15 -11.43
CA HIS A 399 5.91 4.17 -12.61
C HIS A 399 5.32 3.19 -13.66
N THR A 400 5.55 3.50 -14.94
CA THR A 400 5.24 2.59 -16.01
C THR A 400 5.55 1.14 -15.67
N VAL A 401 6.72 0.89 -15.08
CA VAL A 401 7.15 -0.47 -14.82
C VAL A 401 6.68 -1.04 -13.48
N ARG A 402 6.12 -0.19 -12.64
CA ARG A 402 5.71 -0.60 -11.29
C ARG A 402 4.70 0.43 -10.76
N HIS A 403 3.43 0.00 -10.79
CA HIS A 403 2.30 0.85 -10.48
C HIS A 403 1.14 0.03 -9.99
N GLU A 404 0.18 0.68 -9.33
CA GLU A 404 -0.97 -0.05 -8.81
C GLU A 404 -2.16 0.88 -8.82
N TYR A 405 -3.34 0.28 -8.97
CA TYR A 405 -4.58 1.02 -8.86
C TYR A 405 -4.79 1.39 -7.41
N THR A 406 -5.04 2.67 -7.18
CA THR A 406 -5.01 3.23 -5.85
C THR A 406 -6.10 4.26 -5.73
N VAL A 407 -6.64 4.36 -4.52
CA VAL A 407 -7.69 5.36 -4.23
C VAL A 407 -7.10 6.33 -3.24
N ILE A 408 -7.42 7.60 -3.41
CA ILE A 408 -6.80 8.66 -2.63
C ILE A 408 -7.88 9.70 -2.32
N GLY A 409 -7.96 10.09 -1.06
CA GLY A 409 -8.88 11.17 -0.75
C GLY A 409 -9.14 11.31 0.73
N GLN A 410 -9.69 12.47 1.07
CA GLN A 410 -10.03 12.75 2.47
C GLN A 410 -10.95 11.69 3.05
N LYS A 411 -11.90 11.19 2.26
CA LYS A 411 -12.80 10.14 2.77
C LYS A 411 -12.12 8.80 3.00
N VAL A 412 -11.09 8.49 2.22
CA VAL A 412 -10.32 7.29 2.49
C VAL A 412 -9.63 7.43 3.84
N ASN A 413 -8.99 8.58 4.05
N ASN A 413 -8.98 8.58 4.06
CA ASN A 413 -8.27 8.85 5.30
CA ASN A 413 -8.28 8.80 5.32
C ASN A 413 -9.25 8.81 6.49
C ASN A 413 -9.26 8.80 6.51
N LEU A 414 -10.43 9.37 6.28
CA LEU A 414 -11.48 9.44 7.33
C LEU A 414 -11.91 8.05 7.77
N ALA A 415 -12.23 7.20 6.80
CA ALA A 415 -12.68 5.83 7.13
C ALA A 415 -11.56 5.12 7.86
N ALA A 416 -10.31 5.36 7.42
CA ALA A 416 -9.15 4.74 8.06
C ALA A 416 -8.95 5.16 9.49
N ARG A 417 -9.20 6.43 9.76
CA ARG A 417 -9.01 6.97 11.09
C ARG A 417 -10.16 6.51 11.97
N MET A 418 -11.37 6.46 11.40
CA MET A 418 -12.59 6.04 12.19
C MET A 418 -12.41 4.65 12.73
N MET A 419 -11.88 3.74 11.91
CA MET A 419 -11.80 2.36 12.37
C MET A 419 -10.77 2.24 13.52
N MET A 420 -9.82 3.17 13.60
CA MET A 420 -8.79 3.11 14.65
C MET A 420 -9.21 3.86 15.91
N TYR A 421 -9.87 4.99 15.75
CA TYR A 421 -10.30 5.85 16.86
C TYR A 421 -11.63 5.42 17.46
N TYR A 422 -12.38 4.61 16.72
CA TYR A 422 -13.63 4.04 17.24
C TYR A 422 -13.61 2.54 17.07
N PRO A 423 -12.76 1.87 17.87
CA PRO A 423 -12.60 0.43 17.70
C PRO A 423 -13.80 -0.38 18.16
N GLY A 424 -13.97 -1.56 17.58
CA GLY A 424 -14.98 -2.53 18.04
C GLY A 424 -16.40 -2.27 17.56
N ILE A 425 -16.60 -1.25 16.72
CA ILE A 425 -17.91 -0.94 16.20
C ILE A 425 -17.84 -0.61 14.71
N VAL A 426 -19.02 -0.46 14.12
CA VAL A 426 -19.15 0.01 12.73
C VAL A 426 -19.47 1.50 12.83
N THR A 427 -18.62 2.33 12.23
CA THR A 427 -18.89 3.77 12.19
C THR A 427 -19.15 4.28 10.77
N CYS A 428 -19.87 5.38 10.68
CA CYS A 428 -20.08 6.02 9.39
C CYS A 428 -20.08 7.54 9.52
N ASP A 429 -19.81 8.20 8.39
CA ASP A 429 -19.80 9.64 8.33
C ASP A 429 -21.23 10.19 8.08
N SER A 430 -21.32 11.51 8.02
CA SER A 430 -22.60 12.18 7.79
C SER A 430 -23.21 11.95 6.44
N VAL A 431 -22.37 11.87 5.40
CA VAL A 431 -22.89 11.58 4.06
C VAL A 431 -23.64 10.24 4.05
N THR A 432 -23.02 9.23 4.66
CA THR A 432 -23.53 7.87 4.65
C THR A 432 -24.82 7.82 5.46
N TYR A 433 -24.78 8.45 6.63
CA TYR A 433 -25.92 8.43 7.54
C TYR A 433 -27.15 9.06 6.85
N ASN A 434 -26.96 10.28 6.40
CA ASN A 434 -28.02 11.04 5.76
C ASN A 434 -28.53 10.43 4.46
N GLY A 435 -27.63 9.90 3.65
CA GLY A 435 -28.02 9.29 2.39
C GLY A 435 -28.73 7.95 2.49
N SER A 436 -28.37 7.12 3.48
CA SER A 436 -29.02 5.82 3.68
C SER A 436 -30.55 5.94 3.81
N ASN A 437 -30.98 7.04 4.43
CA ASN A 437 -32.40 7.25 4.74
C ASN A 437 -32.98 6.17 5.67
N LEU A 438 -32.14 5.20 6.05
CA LEU A 438 -32.49 4.17 7.05
C LEU A 438 -33.01 4.87 8.27
N PRO A 439 -33.83 4.20 9.08
CA PRO A 439 -34.36 4.89 10.25
C PRO A 439 -33.24 5.39 11.17
N ALA A 440 -33.44 6.54 11.79
CA ALA A 440 -32.40 7.16 12.60
C ALA A 440 -31.98 6.31 13.80
N TYR A 441 -32.90 5.52 14.36
CA TYR A 441 -32.58 4.62 15.49
C TYR A 441 -31.69 3.43 15.14
N PHE A 442 -31.40 3.25 13.85
CA PHE A 442 -30.38 2.27 13.42
C PHE A 442 -28.97 2.77 13.71
N PHE A 443 -28.88 4.01 14.14
CA PHE A 443 -27.60 4.63 14.42
C PHE A 443 -27.47 5.17 15.83
N LYS A 444 -26.22 5.45 16.18
CA LYS A 444 -25.92 6.24 17.35
C LYS A 444 -24.99 7.39 16.99
N GLU A 445 -25.41 8.61 17.31
CA GLU A 445 -24.53 9.79 17.18
C GLU A 445 -23.36 9.70 18.17
N LEU A 446 -22.13 9.85 17.67
CA LEU A 446 -20.96 9.65 18.49
C LEU A 446 -20.27 10.91 19.00
N PRO A 447 -19.54 10.79 20.10
CA PRO A 447 -18.67 11.90 20.49
C PRO A 447 -17.67 12.21 19.38
N LYS A 448 -17.37 13.48 19.20
CA LYS A 448 -16.38 13.94 18.26
C LYS A 448 -14.99 13.65 18.85
N LYS A 449 -14.11 13.03 18.06
CA LYS A 449 -12.75 12.77 18.48
C LYS A 449 -11.83 13.52 17.55
N VAL A 450 -10.72 14.03 18.08
CA VAL A 450 -9.71 14.67 17.23
C VAL A 450 -8.88 13.55 16.65
N MET A 451 -8.96 13.40 15.33
CA MET A 451 -8.29 12.31 14.63
C MET A 451 -7.19 12.86 13.75
N LYS A 452 -6.00 12.28 13.88
CA LYS A 452 -4.82 12.81 13.22
C LYS A 452 -4.97 12.68 11.72
N GLY A 453 -4.92 13.82 11.03
CA GLY A 453 -5.08 13.88 9.58
C GLY A 453 -6.44 14.36 9.10
N VAL A 454 -7.42 14.40 9.99
CA VAL A 454 -8.77 14.87 9.63
C VAL A 454 -9.05 16.22 10.31
N ALA A 455 -9.39 17.20 9.48
CA ALA A 455 -9.92 18.47 9.95
C ALA A 455 -11.37 18.50 9.52
N ASP A 456 -12.26 18.72 10.49
CA ASP A 456 -13.70 18.78 10.23
C ASP A 456 -14.20 17.46 9.62
N SER A 457 -14.32 16.44 10.46
CA SER A 457 -14.83 15.15 10.03
C SER A 457 -16.35 15.19 9.80
N GLY A 458 -17.00 16.13 10.50
CA GLY A 458 -18.47 16.26 10.49
C GLY A 458 -19.02 15.32 11.56
N PRO A 459 -20.36 15.35 11.79
CA PRO A 459 -20.91 14.41 12.76
C PRO A 459 -20.65 12.97 12.32
N LEU A 460 -20.23 12.13 13.26
CA LEU A 460 -20.02 10.71 13.03
C LEU A 460 -21.02 9.86 13.82
N TYR A 461 -21.25 8.66 13.30
CA TYR A 461 -22.29 7.78 13.78
C TYR A 461 -21.79 6.37 13.90
N GLN A 462 -22.35 5.65 14.83
CA GLN A 462 -22.23 4.24 14.88
C GLN A 462 -23.43 3.65 14.21
N TYR A 463 -23.20 2.65 13.36
CA TYR A 463 -24.28 1.88 12.79
C TYR A 463 -24.55 0.80 13.82
N TRP A 464 -25.66 0.97 14.53
CA TRP A 464 -25.99 0.10 15.64
C TRP A 464 -26.65 -1.13 15.07
N GLY A 465 -27.41 -0.95 14.00
CA GLY A 465 -28.04 -2.07 13.33
C GLY A 465 -29.55 -2.02 13.52
N ARG A 466 -30.23 -3.02 12.98
CA ARG A 466 -31.71 -3.03 12.88
C ARG A 466 -32.43 -3.20 14.21
N THR A 467 -31.72 -3.70 15.23
CA THR A 467 -32.35 -4.04 16.51
C THR A 467 -31.56 -3.50 17.69
N GLU A 468 -32.22 -3.35 18.84
CA GLU A 468 -31.54 -2.86 20.03
C GLU A 468 -30.45 -3.83 20.38
N LYS A 469 -30.78 -5.12 20.27
CA LYS A 469 -29.86 -6.21 20.58
C LYS A 469 -28.85 -6.42 19.45
C2 1VK B . 2.06 -4.85 4.13
C6 1VK B . 1.77 -3.67 3.39
C7 1VK B . 1.33 -2.38 3.98
C10 1VK B . 0.79 0.03 3.80
C11 1VK B . 0.85 1.26 3.17
C12 1VK B . 1.54 1.39 1.99
C13 1VK B . 2.18 0.31 1.43
C14 1VK B . 2.14 -0.93 2.06
N1 1VK B . 2.03 -5.02 5.48
N3 1VK B . 2.41 -5.80 3.31
O4 1VK B . 2.32 -5.23 2.06
N5 1VK B . 1.92 -3.91 2.12
O8 1VK B . 0.86 -2.39 5.11
C9 1VK B . 1.43 -1.08 3.24
H17 1VK B . 0.30 -0.06 4.60
H18 1VK B . 0.41 2.00 3.54
H19 1VK B . 1.58 2.24 1.56
H20 1VK B . 2.67 0.41 0.63
H21 1VK B . 2.57 -1.66 1.68
H15 1VK B . 1.80 -4.34 6.00
H16 1VK B . 2.23 -5.80 5.83
C1 GOL C . -14.66 -9.02 -4.98
C1 GOL C . -13.14 -8.31 -3.62
O1 GOL C . -14.25 -9.00 -6.38
O1 GOL C . -12.07 -7.55 -4.19
C2 GOL C . -13.58 -8.41 -4.09
C2 GOL C . -14.24 -8.45 -4.65
O2 GOL C . -13.30 -9.27 -2.96
O2 GOL C . -13.72 -9.01 -5.87
C3 GOL C . -12.36 -8.20 -4.98
C3 GOL C . -15.26 -9.38 -3.99
O3 GOL C . -11.61 -7.06 -4.62
O3 GOL C . -16.39 -9.56 -4.81
C1 GOL D . 5.65 -16.37 -9.09
O1 GOL D . 6.39 -17.30 -9.83
C2 GOL D . 4.20 -16.72 -8.89
O2 GOL D . 3.84 -17.90 -9.61
C3 GOL D . 3.93 -16.88 -7.39
O3 GOL D . 2.87 -15.94 -7.07
#